data_5MOZ
#
_entry.id   5MOZ
#
_cell.length_a   48.841
_cell.length_b   101.658
_cell.length_c   126.727
_cell.angle_alpha   90.000
_cell.angle_beta   90.000
_cell.angle_gamma   90.000
#
_symmetry.space_group_name_H-M   'P 21 21 21'
#
loop_
_entity.id
_entity.type
_entity.pdbx_description
1 polymer 'Beta-lactamase OXA-10'
2 non-polymer (2S,5R)-1-formyl-5-[(sulfooxy)amino]piperidine-2-carboxamide
3 non-polymer GLYCEROL
4 non-polymer 'SODIUM ION'
5 non-polymer 'IODIDE ION'
6 non-polymer 'CHLORIDE ION'
7 water water
#
_entity_poly.entity_id   1
_entity_poly.type   'polypeptide(L)'
_entity_poly.pdbx_seq_one_letter_code
;MGSITENTSWNKEFSAEAVNGVFVLCKSSSKSCATNDLARASKEYLPASTFKIPNAIIGLETGVIKNEHQVFKWDGKPRA
MKQWERDLTLRGAIQVSAVPVFQQIAREVGEVRMQKYLKKFSYGNQNISGGIDKFWLEGQLRISAVNQVEFLESLYLNKL
SASKENQLIVKEALVTEAAPEYLVHSKTGFSGVGTESNPGVAWWVGWVEKETEVYFFAFNMDIDNESKLPLRKSIPTKIM
ESEGIIG
;
_entity_poly.pdbx_strand_id   A,B
#
loop_
_chem_comp.id
_chem_comp.type
_chem_comp.name
_chem_comp.formula
CL non-polymer 'CHLORIDE ION' 'Cl -1'
GOL non-polymer GLYCEROL 'C3 H8 O3'
IOD non-polymer 'IODIDE ION' 'I -1'
NA non-polymer 'SODIUM ION' 'Na 1'
NXL non-polymer (2S,5R)-1-formyl-5-[(sulfooxy)amino]piperidine-2-carboxamide 'C7 H13 N3 O6 S'
#
# COMPACT_ATOMS: atom_id res chain seq x y z
N MET A 1 3.45 -12.09 -22.37
CA MET A 1 2.05 -11.68 -22.56
C MET A 1 1.24 -12.80 -23.25
N GLY A 2 -0.05 -12.89 -22.92
CA GLY A 2 -1.00 -13.73 -23.63
C GLY A 2 -1.38 -13.13 -24.98
N SER A 3 -2.68 -13.05 -25.31
CA SER A 3 -3.09 -12.48 -26.58
C SER A 3 -3.28 -10.97 -26.47
N ILE A 4 -3.12 -10.27 -27.58
CA ILE A 4 -3.37 -8.84 -27.61
C ILE A 4 -4.23 -8.58 -28.85
N THR A 5 -5.27 -7.77 -28.68
CA THR A 5 -6.22 -7.43 -29.72
C THR A 5 -6.26 -5.92 -29.86
N GLU A 6 -6.18 -5.43 -31.08
CA GLU A 6 -6.29 -4.01 -31.35
C GLU A 6 -7.76 -3.60 -31.40
N ASN A 7 -8.07 -2.53 -30.66
CA ASN A 7 -9.40 -1.94 -30.62
C ASN A 7 -9.22 -0.48 -31.05
N THR A 8 -9.48 -0.19 -32.30
CA THR A 8 -9.22 1.18 -32.76
C THR A 8 -10.28 2.16 -32.27
N SER A 9 -11.38 1.70 -31.69
CA SER A 9 -12.34 2.62 -31.09
C SER A 9 -11.73 3.38 -29.94
N TRP A 10 -10.68 2.87 -29.33
CA TRP A 10 -10.03 3.59 -28.25
C TRP A 10 -9.24 4.78 -28.77
N ASN A 11 -9.07 4.91 -30.09
CA ASN A 11 -8.41 6.09 -30.61
C ASN A 11 -9.25 7.35 -30.42
N LYS A 12 -10.55 7.22 -30.18
CA LYS A 12 -11.40 8.38 -29.95
C LYS A 12 -10.83 9.31 -28.90
N GLU A 13 -10.31 8.76 -27.81
CA GLU A 13 -9.84 9.58 -26.72
C GLU A 13 -8.54 10.27 -27.05
N PHE A 14 -7.79 9.78 -28.05
CA PHE A 14 -6.51 10.33 -28.48
C PHE A 14 -6.68 11.40 -29.56
N SER A 15 -7.53 11.13 -30.55
N SER A 15 -7.53 11.13 -30.55
CA SER A 15 -7.75 12.09 -31.62
CA SER A 15 -7.76 12.09 -31.62
C SER A 15 -8.35 13.38 -31.06
C SER A 15 -8.36 13.37 -31.07
N ALA A 16 -9.23 13.26 -30.07
CA ALA A 16 -9.83 14.44 -29.48
C ALA A 16 -8.78 15.44 -29.04
N GLU A 17 -7.58 14.95 -28.68
CA GLU A 17 -6.52 15.78 -28.15
C GLU A 17 -5.32 15.90 -29.08
N ALA A 18 -5.40 15.30 -30.27
CA ALA A 18 -4.31 15.21 -31.23
C ALA A 18 -3.07 14.58 -30.61
N VAL A 19 -3.28 13.52 -29.84
CA VAL A 19 -2.20 12.82 -29.17
C VAL A 19 -1.81 11.60 -29.98
N ASN A 20 -0.50 11.39 -30.21
CA ASN A 20 0.05 10.15 -30.74
C ASN A 20 0.53 9.32 -29.56
N GLY A 21 -0.16 8.21 -29.27
CA GLY A 21 0.16 7.44 -28.08
C GLY A 21 -0.45 6.06 -28.15
N VAL A 22 -0.21 5.31 -27.07
CA VAL A 22 -0.71 3.95 -26.97
C VAL A 22 -1.13 3.66 -25.54
N PHE A 23 -2.22 2.91 -25.41
CA PHE A 23 -2.67 2.32 -24.16
C PHE A 23 -2.74 0.81 -24.34
N VAL A 24 -2.20 0.08 -23.35
CA VAL A 24 -2.31 -1.38 -23.26
C VAL A 24 -2.97 -1.72 -21.94
N LEU A 25 -4.02 -2.51 -21.99
CA LEU A 25 -4.81 -2.90 -20.83
C LEU A 25 -5.01 -4.39 -20.86
N CYS A 26 -4.64 -5.07 -19.79
CA CYS A 26 -4.72 -6.52 -19.70
C CYS A 26 -5.54 -6.93 -18.49
N LYS A 27 -6.43 -7.86 -18.69
CA LYS A 27 -7.24 -8.43 -17.61
C LYS A 27 -6.61 -9.76 -17.22
N SER A 28 -6.21 -9.89 -15.96
CA SER A 28 -5.44 -11.07 -15.54
C SER A 28 -6.22 -12.36 -15.77
N SER A 29 -7.50 -12.39 -15.34
CA SER A 29 -8.23 -13.65 -15.31
C SER A 29 -8.44 -14.23 -16.71
N SER A 30 -8.50 -13.39 -17.74
CA SER A 30 -8.75 -13.87 -19.10
C SER A 30 -7.48 -13.97 -19.92
N LYS A 31 -6.33 -13.58 -19.36
CA LYS A 31 -5.04 -13.70 -20.03
C LYS A 31 -5.07 -13.03 -21.39
N SER A 32 -5.65 -11.84 -21.43
CA SER A 32 -5.89 -11.17 -22.70
C SER A 32 -5.68 -9.69 -22.49
N CYS A 33 -5.17 -9.04 -23.54
CA CYS A 33 -4.87 -7.64 -23.54
C CYS A 33 -5.53 -6.97 -24.73
N ALA A 34 -5.75 -5.67 -24.59
CA ALA A 34 -6.25 -4.84 -25.67
C ALA A 34 -5.45 -3.56 -25.76
N THR A 35 -5.41 -2.97 -26.96
CA THR A 35 -4.62 -1.76 -27.23
C THR A 35 -5.30 -0.98 -28.35
N ASN A 36 -5.14 0.34 -28.34
CA ASN A 36 -5.60 1.14 -29.48
C ASN A 36 -4.70 1.02 -30.69
N ASP A 37 -3.44 0.61 -30.52
N ASP A 37 -3.43 0.67 -30.50
CA ASP A 37 -2.41 0.72 -31.57
CA ASP A 37 -2.46 0.69 -31.61
C ASP A 37 -1.40 -0.42 -31.40
C ASP A 37 -1.45 -0.43 -31.39
N LEU A 38 -1.65 -1.53 -32.09
CA LEU A 38 -0.79 -2.69 -31.96
C LEU A 38 0.65 -2.32 -32.26
N ALA A 39 0.90 -1.60 -33.35
CA ALA A 39 2.30 -1.31 -33.69
C ALA A 39 3.00 -0.52 -32.59
N ARG A 40 2.35 0.53 -32.09
CA ARG A 40 3.01 1.33 -31.05
C ARG A 40 3.14 0.56 -29.72
N ALA A 41 2.25 -0.41 -29.48
CA ALA A 41 2.30 -1.14 -28.20
C ALA A 41 3.64 -1.83 -28.01
N SER A 42 4.32 -2.23 -29.10
CA SER A 42 5.61 -2.89 -29.03
C SER A 42 6.80 -1.96 -29.28
N LYS A 43 6.56 -0.68 -29.55
N LYS A 43 6.56 -0.69 -29.59
CA LYS A 43 7.64 0.26 -29.76
CA LYS A 43 7.65 0.26 -29.78
C LYS A 43 8.24 0.67 -28.42
C LYS A 43 8.25 0.64 -28.43
N GLU A 44 9.56 0.83 -28.41
CA GLU A 44 10.29 1.03 -27.17
C GLU A 44 10.73 2.48 -27.00
N TYR A 45 10.56 2.99 -25.80
CA TYR A 45 10.82 4.40 -25.45
C TYR A 45 11.64 4.48 -24.17
N LEU A 46 12.32 5.63 -23.95
CA LEU A 46 13.00 5.85 -22.68
C LEU A 46 12.05 5.58 -21.52
N PRO A 47 12.47 4.89 -20.47
CA PRO A 47 11.56 4.67 -19.33
C PRO A 47 11.30 5.92 -18.51
N ALA A 48 12.24 6.84 -18.47
CA ALA A 48 12.15 8.01 -17.61
C ALA A 48 11.81 7.53 -16.19
N SER A 49 10.95 8.25 -15.48
CA SER A 49 10.72 8.00 -14.06
C SER A 49 10.06 6.68 -13.78
N THR A 50 9.49 6.01 -14.80
CA THR A 50 9.02 4.66 -14.57
C THR A 50 10.14 3.71 -14.16
N PHE A 51 11.39 4.09 -14.43
CA PHE A 51 12.52 3.27 -14.04
C PHE A 51 12.68 3.21 -12.52
N LYS A 52 12.01 4.08 -11.76
CA LYS A 52 12.12 3.94 -10.30
C LYS A 52 11.65 2.59 -9.82
N ILE A 53 10.76 1.94 -10.54
CA ILE A 53 10.26 0.62 -10.10
C ILE A 53 11.37 -0.42 -10.11
N PRO A 54 12.02 -0.75 -11.24
CA PRO A 54 13.12 -1.70 -11.16
C PRO A 54 14.28 -1.20 -10.31
N ASN A 55 14.58 0.09 -10.41
CA ASN A 55 15.73 0.64 -9.66
C ASN A 55 15.55 0.47 -8.15
N ALA A 56 14.35 0.72 -7.64
CA ALA A 56 14.10 0.51 -6.20
C ALA A 56 14.28 -0.98 -5.84
N ILE A 57 13.74 -1.89 -6.64
CA ILE A 57 13.92 -3.30 -6.35
C ILE A 57 15.41 -3.68 -6.30
N ILE A 58 16.16 -3.24 -7.33
CA ILE A 58 17.58 -3.52 -7.45
C ILE A 58 18.37 -2.91 -6.31
N GLY A 59 18.00 -1.70 -5.91
CA GLY A 59 18.66 -1.09 -4.77
C GLY A 59 18.49 -1.90 -3.50
N LEU A 60 17.28 -2.41 -3.26
CA LEU A 60 17.06 -3.27 -2.10
C LEU A 60 17.83 -4.61 -2.25
N GLU A 61 17.74 -5.23 -3.42
CA GLU A 61 18.37 -6.53 -3.63
C GLU A 61 19.86 -6.47 -3.36
N THR A 62 20.51 -5.39 -3.81
CA THR A 62 21.97 -5.24 -3.70
C THR A 62 22.41 -4.72 -2.36
N GLY A 63 21.44 -4.33 -1.51
CA GLY A 63 21.73 -3.78 -0.21
C GLY A 63 22.07 -2.31 -0.21
N VAL A 64 22.10 -1.66 -1.38
CA VAL A 64 22.38 -0.23 -1.44
C VAL A 64 21.31 0.54 -0.71
N ILE A 65 20.07 0.14 -0.85
CA ILE A 65 18.97 0.57 0.03
C ILE A 65 18.95 -0.45 1.16
N LYS A 66 19.29 0.00 2.37
CA LYS A 66 19.59 -0.94 3.45
C LYS A 66 18.36 -1.71 3.88
N ASN A 67 17.22 -1.06 3.86
CA ASN A 67 15.97 -1.75 4.15
C ASN A 67 14.84 -0.79 3.85
N GLU A 68 13.64 -1.26 4.13
N GLU A 68 13.63 -1.24 4.11
CA GLU A 68 12.43 -0.58 3.77
CA GLU A 68 12.46 -0.49 3.69
C GLU A 68 12.32 0.80 4.42
C GLU A 68 12.33 0.85 4.40
N HIS A 69 12.99 1.03 5.55
CA HIS A 69 12.89 2.26 6.32
C HIS A 69 14.05 3.24 6.13
N GLN A 70 14.90 3.00 5.15
CA GLN A 70 15.97 3.93 4.85
C GLN A 70 15.46 5.34 4.57
N VAL A 71 16.14 6.33 5.12
CA VAL A 71 15.83 7.74 4.88
C VAL A 71 16.92 8.26 3.96
N PHE A 72 16.51 8.90 2.88
CA PHE A 72 17.40 9.51 1.92
C PHE A 72 17.52 10.99 2.29
N LYS A 73 18.65 11.35 2.84
CA LYS A 73 18.81 12.68 3.41
C LYS A 73 19.16 13.72 2.34
N TRP A 74 18.56 14.90 2.45
CA TRP A 74 18.90 16.03 1.58
C TRP A 74 20.15 16.72 2.11
N ASP A 75 21.15 16.94 1.22
CA ASP A 75 22.39 17.63 1.61
C ASP A 75 22.26 19.16 1.71
N GLY A 76 21.06 19.72 1.51
CA GLY A 76 20.83 21.12 1.66
C GLY A 76 21.18 21.94 0.46
N LYS A 77 21.65 21.32 -0.59
CA LYS A 77 22.04 22.05 -1.79
C LYS A 77 20.94 21.97 -2.83
N PRO A 78 20.94 22.90 -3.78
CA PRO A 78 19.79 22.98 -4.71
C PRO A 78 19.51 21.69 -5.45
N ARG A 79 18.24 21.40 -5.52
CA ARG A 79 17.72 20.36 -6.41
C ARG A 79 16.69 20.96 -7.38
N ALA A 80 16.40 20.25 -8.45
CA ALA A 80 15.75 20.85 -9.59
C ALA A 80 14.28 21.14 -9.35
N MET A 81 13.65 20.44 -8.41
N MET A 81 13.67 20.44 -8.41
CA MET A 81 12.28 20.69 -8.00
CA MET A 81 12.30 20.65 -7.97
C MET A 81 12.23 20.87 -6.49
C MET A 81 12.31 20.89 -6.47
N LYS A 82 11.49 21.89 -6.04
N LYS A 82 11.52 21.86 -6.01
CA LYS A 82 11.40 22.18 -4.62
CA LYS A 82 11.47 22.15 -4.59
C LYS A 82 10.90 20.99 -3.82
C LYS A 82 10.90 20.99 -3.79
N GLN A 83 9.99 20.21 -4.38
CA GLN A 83 9.46 19.10 -3.63
C GLN A 83 10.51 18.06 -3.28
N TRP A 84 11.70 18.09 -3.90
CA TRP A 84 12.75 17.14 -3.58
C TRP A 84 13.70 17.66 -2.51
N GLU A 85 13.56 18.90 -2.08
CA GLU A 85 14.52 19.52 -1.18
C GLU A 85 14.10 19.24 0.27
N ARG A 86 14.23 17.97 0.62
CA ARG A 86 13.83 17.49 1.95
C ARG A 86 14.31 16.05 2.06
N ASP A 87 14.40 15.58 3.31
CA ASP A 87 14.62 14.16 3.52
C ASP A 87 13.38 13.39 3.08
N LEU A 88 13.61 12.19 2.52
CA LEU A 88 12.55 11.38 1.95
C LEU A 88 12.69 9.92 2.36
N THR A 89 11.53 9.27 2.58
CA THR A 89 11.52 7.82 2.68
C THR A 89 11.58 7.21 1.28
N LEU A 90 11.66 5.89 1.19
CA LEU A 90 11.63 5.22 -0.10
C LEU A 90 10.33 5.52 -0.84
N ARG A 91 9.22 5.35 -0.14
CA ARG A 91 7.93 5.66 -0.75
C ARG A 91 7.83 7.14 -1.08
N GLY A 92 8.29 8.03 -0.20
CA GLY A 92 8.21 9.45 -0.52
C GLY A 92 9.03 9.79 -1.74
N ALA A 93 10.23 9.22 -1.85
CA ALA A 93 11.07 9.51 -3.00
C ALA A 93 10.44 9.01 -4.30
N ILE A 94 9.75 7.87 -4.27
CA ILE A 94 9.04 7.38 -5.46
C ILE A 94 7.87 8.26 -5.78
N GLN A 95 7.09 8.60 -4.77
CA GLN A 95 5.85 9.36 -4.96
C GLN A 95 6.11 10.79 -5.44
N VAL A 96 7.09 11.52 -4.87
CA VAL A 96 7.45 12.85 -5.36
C VAL A 96 8.39 12.76 -6.56
N SER A 97 8.80 11.56 -6.91
CA SER A 97 9.64 11.27 -8.09
C SER A 97 10.99 11.98 -8.02
N ALA A 98 11.71 11.83 -6.90
CA ALA A 98 12.96 12.51 -6.62
C ALA A 98 14.13 11.87 -7.36
N VAL A 99 14.37 12.34 -8.58
CA VAL A 99 15.47 11.91 -9.45
C VAL A 99 16.80 11.79 -8.72
N PRO A 100 17.28 12.79 -8.00
CA PRO A 100 18.65 12.66 -7.44
C PRO A 100 18.80 11.49 -6.48
N VAL A 101 17.75 11.12 -5.74
CA VAL A 101 17.79 9.96 -4.87
C VAL A 101 18.07 8.71 -5.69
N PHE A 102 17.35 8.57 -6.80
CA PHE A 102 17.49 7.37 -7.65
C PHE A 102 18.76 7.39 -8.50
N GLN A 103 19.25 8.55 -8.89
CA GLN A 103 20.54 8.58 -9.55
C GLN A 103 21.63 8.08 -8.61
N GLN A 104 21.59 8.46 -7.34
CA GLN A 104 22.61 7.97 -6.42
C GLN A 104 22.45 6.47 -6.14
N ILE A 105 21.21 5.99 -6.03
CA ILE A 105 20.99 4.53 -5.94
C ILE A 105 21.68 3.83 -7.09
N ALA A 106 21.42 4.31 -8.31
CA ALA A 106 22.02 3.68 -9.48
C ALA A 106 23.54 3.70 -9.44
N ARG A 107 24.15 4.83 -9.06
CA ARG A 107 25.59 4.90 -8.97
C ARG A 107 26.11 3.80 -8.02
N GLU A 108 25.44 3.63 -6.89
CA GLU A 108 25.92 2.69 -5.89
C GLU A 108 25.64 1.24 -6.32
N VAL A 109 24.56 1.00 -7.03
CA VAL A 109 24.34 -0.32 -7.61
C VAL A 109 25.49 -0.66 -8.53
N GLY A 110 25.84 0.26 -9.40
CA GLY A 110 26.94 0.07 -10.34
C GLY A 110 26.52 -0.64 -11.62
N GLU A 111 27.36 -0.52 -12.66
CA GLU A 111 26.98 -1.02 -13.98
C GLU A 111 26.82 -2.55 -14.04
N VAL A 112 27.72 -3.30 -13.41
CA VAL A 112 27.63 -4.76 -13.49
C VAL A 112 26.35 -5.27 -12.88
N ARG A 113 26.03 -4.82 -11.65
CA ARG A 113 24.81 -5.31 -11.02
C ARG A 113 23.56 -4.78 -11.71
N MET A 114 23.58 -3.56 -12.20
CA MET A 114 22.45 -3.05 -12.92
C MET A 114 22.17 -3.88 -14.17
N GLN A 115 23.20 -4.16 -14.97
CA GLN A 115 23.03 -4.98 -16.16
C GLN A 115 22.46 -6.34 -15.80
N LYS A 116 22.98 -6.97 -14.74
CA LYS A 116 22.55 -8.27 -14.28
C LYS A 116 21.06 -8.28 -14.03
N TYR A 117 20.56 -7.30 -13.30
CA TYR A 117 19.16 -7.35 -12.90
C TYR A 117 18.25 -6.94 -14.05
N LEU A 118 18.67 -6.06 -14.97
CA LEU A 118 17.78 -5.76 -16.06
C LEU A 118 17.67 -6.95 -16.98
N LYS A 119 18.72 -7.78 -17.09
N LYS A 119 18.73 -7.74 -17.11
CA LYS A 119 18.59 -9.01 -17.87
CA LYS A 119 18.64 -9.00 -17.84
C LYS A 119 17.69 -10.02 -17.17
C LYS A 119 17.65 -9.93 -17.15
N LYS A 120 17.82 -10.14 -15.83
CA LYS A 120 16.95 -11.03 -15.09
C LYS A 120 15.49 -10.60 -15.20
N PHE A 121 15.21 -9.31 -15.23
CA PHE A 121 13.86 -8.77 -15.28
C PHE A 121 13.33 -8.66 -16.72
N SER A 122 14.10 -9.03 -17.73
N SER A 122 14.12 -9.02 -17.73
CA SER A 122 13.72 -8.84 -19.11
CA SER A 122 13.75 -8.84 -19.12
C SER A 122 13.20 -7.42 -19.33
C SER A 122 13.25 -7.42 -19.39
N TYR A 123 14.00 -6.44 -18.90
CA TYR A 123 13.56 -5.05 -18.86
C TYR A 123 13.95 -4.31 -20.13
N GLY A 124 13.03 -4.24 -21.06
CA GLY A 124 13.26 -3.50 -22.30
C GLY A 124 14.37 -4.10 -23.11
N ASN A 125 15.11 -3.19 -23.80
CA ASN A 125 16.25 -3.60 -24.59
C ASN A 125 17.49 -3.91 -23.75
N GLN A 126 17.40 -3.72 -22.44
CA GLN A 126 18.46 -4.07 -21.48
C GLN A 126 19.76 -3.33 -21.76
N ASN A 127 19.71 -2.21 -22.46
CA ASN A 127 20.89 -1.46 -22.86
C ASN A 127 21.11 -0.35 -21.85
N ILE A 128 22.16 -0.46 -21.03
CA ILE A 128 22.45 0.52 -20.00
C ILE A 128 23.51 1.52 -20.42
N SER A 129 23.82 1.61 -21.72
CA SER A 129 24.75 2.60 -22.21
C SER A 129 24.23 4.02 -21.99
N GLY A 130 25.17 4.92 -21.76
CA GLY A 130 24.85 6.34 -21.61
C GLY A 130 25.20 6.93 -20.27
N GLY A 131 25.77 6.15 -19.35
CA GLY A 131 26.20 6.60 -18.04
C GLY A 131 25.37 5.97 -16.98
N ILE A 132 26.01 5.47 -15.91
CA ILE A 132 25.28 4.71 -14.89
C ILE A 132 24.18 5.49 -14.22
N ASP A 133 24.29 6.83 -14.17
CA ASP A 133 23.28 7.63 -13.50
C ASP A 133 22.25 8.22 -14.42
N LYS A 134 22.24 7.87 -15.72
CA LYS A 134 21.31 8.56 -16.60
C LYS A 134 20.91 7.74 -17.82
N PHE A 135 21.25 6.44 -17.90
CA PHE A 135 20.97 5.63 -19.11
C PHE A 135 19.47 5.56 -19.43
N TRP A 136 18.62 5.63 -18.39
CA TRP A 136 17.16 5.54 -18.53
C TRP A 136 16.50 6.90 -18.70
N LEU A 137 17.26 7.96 -18.55
CA LEU A 137 16.80 9.32 -18.71
C LEU A 137 17.17 9.91 -20.06
N GLU A 138 18.38 9.68 -20.53
CA GLU A 138 18.91 10.26 -21.76
C GLU A 138 19.82 9.32 -22.53
N GLY A 139 19.98 8.09 -22.04
CA GLY A 139 20.85 7.12 -22.66
C GLY A 139 20.07 6.20 -23.58
N GLN A 140 20.51 4.94 -23.65
CA GLN A 140 20.08 4.01 -24.70
C GLN A 140 19.03 3.00 -24.24
N LEU A 141 18.61 3.04 -23.00
CA LEU A 141 17.61 2.09 -22.53
C LEU A 141 16.24 2.47 -23.10
N ARG A 142 15.53 1.45 -23.57
CA ARG A 142 14.20 1.63 -24.13
C ARG A 142 13.30 0.48 -23.72
N ILE A 143 12.03 0.77 -23.48
CA ILE A 143 11.05 -0.27 -23.12
C ILE A 143 9.69 0.07 -23.72
N SER A 144 8.96 -0.98 -24.11
CA SER A 144 7.63 -0.81 -24.71
C SER A 144 6.52 -0.90 -23.64
N ALA A 145 5.32 -0.48 -24.04
CA ALA A 145 4.15 -0.63 -23.17
C ALA A 145 3.85 -2.11 -22.90
N VAL A 146 3.96 -2.98 -23.92
CA VAL A 146 3.78 -4.43 -23.71
C VAL A 146 4.76 -4.91 -22.63
N ASN A 147 6.03 -4.50 -22.73
CA ASN A 147 7.02 -5.01 -21.78
C ASN A 147 6.77 -4.44 -20.40
N GLN A 148 6.29 -3.19 -20.29
CA GLN A 148 5.90 -2.65 -18.99
C GLN A 148 4.84 -3.52 -18.34
N VAL A 149 3.78 -3.88 -19.08
CA VAL A 149 2.71 -4.66 -18.45
C VAL A 149 3.20 -6.04 -18.08
N GLU A 150 4.10 -6.64 -18.86
CA GLU A 150 4.66 -7.95 -18.47
C GLU A 150 5.46 -7.85 -17.17
N PHE A 151 6.32 -6.83 -17.06
CA PHE A 151 7.13 -6.59 -15.88
C PHE A 151 6.26 -6.33 -14.67
N LEU A 152 5.21 -5.51 -14.82
CA LEU A 152 4.33 -5.21 -13.69
C LEU A 152 3.51 -6.42 -13.24
N GLU A 153 3.09 -7.27 -14.16
CA GLU A 153 2.40 -8.49 -13.80
C GLU A 153 3.33 -9.38 -12.97
N SER A 154 4.58 -9.48 -13.39
CA SER A 154 5.54 -10.25 -12.62
C SER A 154 5.71 -9.68 -11.23
N LEU A 155 5.80 -8.36 -11.12
CA LEU A 155 5.90 -7.73 -9.80
C LEU A 155 4.67 -8.03 -8.93
N TYR A 156 3.47 -7.86 -9.50
CA TYR A 156 2.24 -8.19 -8.80
C TYR A 156 2.27 -9.62 -8.27
N LEU A 157 2.74 -10.56 -9.08
CA LEU A 157 2.78 -11.97 -8.70
C LEU A 157 3.98 -12.36 -7.83
N ASN A 158 4.86 -11.41 -7.52
CA ASN A 158 6.10 -11.67 -6.79
C ASN A 158 7.00 -12.66 -7.53
N LYS A 159 6.98 -12.61 -8.86
CA LYS A 159 7.68 -13.56 -9.70
C LYS A 159 8.90 -12.96 -10.38
N LEU A 160 9.25 -11.69 -10.09
CA LEU A 160 10.54 -11.22 -10.57
C LEU A 160 11.66 -11.96 -9.84
N SER A 161 12.84 -11.94 -10.46
N SER A 161 12.83 -11.97 -10.48
CA SER A 161 14.02 -12.59 -9.90
CA SER A 161 14.03 -12.57 -9.91
C SER A 161 14.66 -11.69 -8.83
C SER A 161 14.60 -11.60 -8.87
N ALA A 162 13.94 -11.60 -7.70
CA ALA A 162 14.30 -10.77 -6.56
C ALA A 162 13.51 -11.37 -5.40
N SER A 163 13.92 -11.05 -4.17
CA SER A 163 13.18 -11.62 -3.04
C SER A 163 11.72 -11.13 -3.06
N LYS A 164 10.85 -11.97 -2.53
CA LYS A 164 9.46 -11.57 -2.36
C LYS A 164 9.36 -10.37 -1.44
N GLU A 165 10.16 -10.34 -0.36
CA GLU A 165 10.09 -9.19 0.52
C GLU A 165 10.42 -7.91 -0.19
N ASN A 166 11.45 -7.88 -1.05
CA ASN A 166 11.79 -6.66 -1.74
C ASN A 166 10.72 -6.24 -2.74
N GLN A 167 10.08 -7.21 -3.40
CA GLN A 167 8.96 -6.89 -4.30
C GLN A 167 7.80 -6.29 -3.50
N LEU A 168 7.49 -6.86 -2.35
CA LEU A 168 6.41 -6.34 -1.50
C LEU A 168 6.71 -4.93 -1.02
N ILE A 169 7.95 -4.65 -0.61
CA ILE A 169 8.32 -3.30 -0.16
C ILE A 169 8.03 -2.29 -1.26
N VAL A 170 8.47 -2.58 -2.47
CA VAL A 170 8.30 -1.65 -3.58
C VAL A 170 6.82 -1.50 -3.93
N LYS A 171 6.08 -2.61 -3.87
CA LYS A 171 4.64 -2.52 -4.12
C LYS A 171 3.96 -1.54 -3.17
N GLU A 172 4.18 -1.62 -1.85
CA GLU A 172 3.48 -0.67 -1.01
C GLU A 172 3.90 0.75 -1.34
N ALA A 173 5.17 0.95 -1.72
CA ALA A 173 5.61 2.29 -2.09
C ALA A 173 4.94 2.86 -3.32
N LEU A 174 4.33 2.00 -4.15
CA LEU A 174 3.64 2.40 -5.38
C LEU A 174 2.14 2.55 -5.25
N VAL A 175 1.55 2.30 -4.07
CA VAL A 175 0.11 2.51 -3.92
C VAL A 175 -0.20 3.98 -4.13
N THR A 176 -1.18 4.26 -5.01
CA THR A 176 -1.61 5.64 -5.21
C THR A 176 -3.08 5.86 -4.93
N GLU A 177 -3.87 4.81 -4.73
CA GLU A 177 -5.24 4.95 -4.30
C GLU A 177 -5.62 3.68 -3.53
N ALA A 178 -6.26 3.85 -2.39
CA ALA A 178 -6.62 2.72 -1.54
C ALA A 178 -8.06 2.87 -1.09
N ALA A 179 -8.88 1.93 -1.43
CA ALA A 179 -10.25 1.86 -0.90
C ALA A 179 -10.53 0.41 -0.53
N PRO A 180 -11.66 0.11 0.13
CA PRO A 180 -11.86 -1.27 0.63
C PRO A 180 -11.74 -2.36 -0.41
N GLU A 181 -12.33 -2.16 -1.60
CA GLU A 181 -12.28 -3.16 -2.68
C GLU A 181 -11.74 -2.55 -3.96
N TYR A 182 -10.87 -1.57 -3.85
CA TYR A 182 -10.27 -0.95 -5.03
C TYR A 182 -8.90 -0.40 -4.65
N LEU A 183 -7.84 -0.88 -5.29
CA LEU A 183 -6.49 -0.50 -4.93
C LEU A 183 -5.75 -0.25 -6.23
N VAL A 184 -5.05 0.88 -6.34
CA VAL A 184 -4.26 1.20 -7.53
C VAL A 184 -2.79 1.33 -7.13
N HIS A 185 -1.93 0.71 -7.90
CA HIS A 185 -0.49 0.93 -7.87
C HIS A 185 -0.07 1.56 -9.20
N SER A 186 0.72 2.65 -9.18
CA SER A 186 0.98 3.32 -10.46
C SER A 186 2.22 4.20 -10.33
N LYS A 187 2.78 4.54 -11.50
CA LYS A 187 3.91 5.46 -11.59
C LYS A 187 3.87 6.19 -12.92
N THR A 188 4.08 7.50 -12.86
CA THR A 188 4.19 8.36 -14.02
C THR A 188 5.65 8.53 -14.45
N GLY A 189 5.79 8.98 -15.69
CA GLY A 189 7.11 9.45 -16.13
C GLY A 189 6.99 10.47 -17.24
N PHE A 190 8.08 11.20 -17.47
CA PHE A 190 8.11 12.28 -18.49
C PHE A 190 9.56 12.50 -18.87
N SER A 191 9.96 12.10 -20.08
CA SER A 191 11.34 12.24 -20.42
C SER A 191 11.73 13.67 -20.78
N GLY A 192 10.79 14.53 -21.04
CA GLY A 192 10.98 15.91 -21.46
C GLY A 192 10.30 16.18 -22.77
N VAL A 193 10.60 17.36 -23.34
CA VAL A 193 9.90 17.81 -24.54
C VAL A 193 10.64 17.40 -25.81
N GLY A 194 11.72 16.63 -25.70
CA GLY A 194 12.43 16.15 -26.89
C GLY A 194 13.19 17.25 -27.55
N THR A 195 13.44 17.04 -28.85
CA THR A 195 14.10 17.96 -29.72
C THR A 195 13.35 18.00 -31.04
N GLU A 196 13.79 18.88 -31.91
CA GLU A 196 13.12 19.06 -33.20
C GLU A 196 12.97 17.71 -33.89
N SER A 197 11.73 17.40 -34.29
CA SER A 197 11.36 16.18 -35.02
C SER A 197 11.44 14.93 -34.17
N ASN A 198 11.68 15.06 -32.86
CA ASN A 198 12.03 13.93 -32.01
C ASN A 198 11.40 14.16 -30.65
N PRO A 199 10.10 13.87 -30.51
CA PRO A 199 9.40 14.22 -29.26
C PRO A 199 9.86 13.41 -28.08
N GLY A 200 9.63 13.98 -26.92
CA GLY A 200 9.76 13.26 -25.68
C GLY A 200 8.65 12.26 -25.49
N VAL A 201 8.74 11.52 -24.38
CA VAL A 201 7.73 10.52 -24.04
C VAL A 201 7.17 10.79 -22.66
N ALA A 202 5.87 10.63 -22.51
CA ALA A 202 5.23 10.64 -21.20
C ALA A 202 4.56 9.28 -20.97
N TRP A 203 4.59 8.82 -19.71
CA TRP A 203 4.14 7.50 -19.32
C TRP A 203 3.18 7.58 -18.14
N TRP A 204 2.27 6.60 -18.10
CA TRP A 204 1.59 6.24 -16.86
C TRP A 204 1.45 4.72 -16.91
N VAL A 205 1.97 4.04 -15.90
CA VAL A 205 1.92 2.57 -15.85
C VAL A 205 1.45 2.11 -14.48
N GLY A 206 0.86 0.92 -14.41
CA GLY A 206 0.42 0.44 -13.11
C GLY A 206 -0.55 -0.71 -13.23
N TRP A 207 -1.27 -0.94 -12.13
CA TRP A 207 -2.28 -1.97 -12.14
C TRP A 207 -3.37 -1.59 -11.17
N VAL A 208 -4.55 -2.16 -11.41
CA VAL A 208 -5.75 -1.89 -10.62
C VAL A 208 -6.26 -3.22 -10.10
N GLU A 209 -6.51 -3.30 -8.81
CA GLU A 209 -7.12 -4.46 -8.19
C GLU A 209 -8.53 -4.06 -7.79
N LYS A 210 -9.52 -4.65 -8.43
CA LYS A 210 -10.92 -4.34 -8.19
C LYS A 210 -11.64 -5.62 -7.87
N GLU A 211 -12.20 -5.70 -6.68
CA GLU A 211 -12.75 -6.95 -6.15
C GLU A 211 -11.71 -8.05 -6.33
N THR A 212 -12.04 -9.18 -6.98
CA THR A 212 -11.03 -10.20 -7.21
C THR A 212 -10.39 -10.16 -8.60
N GLU A 213 -10.61 -9.10 -9.39
CA GLU A 213 -9.96 -9.00 -10.69
C GLU A 213 -8.74 -8.07 -10.60
N VAL A 214 -7.83 -8.22 -11.55
CA VAL A 214 -6.63 -7.40 -11.62
C VAL A 214 -6.43 -6.97 -13.07
N TYR A 215 -6.18 -5.67 -13.28
CA TYR A 215 -5.96 -5.09 -14.61
C TYR A 215 -4.59 -4.41 -14.64
N PHE A 216 -3.73 -4.82 -15.58
CA PHE A 216 -2.41 -4.22 -15.75
C PHE A 216 -2.49 -3.23 -16.90
N PHE A 217 -1.81 -2.10 -16.75
CA PHE A 217 -1.93 -1.03 -17.75
C PHE A 217 -0.62 -0.33 -18.01
N ALA A 218 -0.47 0.14 -19.24
CA ALA A 218 0.65 1.00 -19.58
C ALA A 218 0.21 1.95 -20.68
N PHE A 219 0.47 3.23 -20.46
CA PHE A 219 0.20 4.30 -21.40
C PHE A 219 1.50 5.03 -21.72
N ASN A 220 1.72 5.31 -22.99
CA ASN A 220 2.70 6.33 -23.35
C ASN A 220 2.20 7.18 -24.51
N MET A 221 2.85 8.34 -24.65
N MET A 221 2.81 8.36 -24.63
CA MET A 221 2.49 9.32 -25.66
CA MET A 221 2.49 9.27 -25.72
C MET A 221 3.72 10.14 -26.04
C MET A 221 3.71 10.12 -26.05
N ASP A 222 3.75 10.59 -27.29
CA ASP A 222 4.73 11.61 -27.68
C ASP A 222 4.32 12.94 -27.05
N ILE A 223 5.31 13.71 -26.62
CA ILE A 223 5.03 15.01 -25.98
C ILE A 223 6.14 16.00 -26.36
N ASP A 224 5.74 17.18 -26.77
CA ASP A 224 6.70 18.26 -27.02
C ASP A 224 6.32 19.57 -26.32
N ASN A 225 5.31 19.52 -25.46
CA ASN A 225 4.83 20.68 -24.73
C ASN A 225 4.32 20.18 -23.40
N GLU A 226 4.89 20.71 -22.33
CA GLU A 226 4.57 20.28 -20.99
C GLU A 226 3.08 20.50 -20.65
N SER A 227 2.41 21.42 -21.33
CA SER A 227 0.98 21.64 -21.06
C SER A 227 0.14 20.40 -21.33
N LYS A 228 0.63 19.47 -22.13
CA LYS A 228 -0.09 18.26 -22.48
C LYS A 228 0.10 17.15 -21.47
N LEU A 229 0.91 17.36 -20.46
CA LEU A 229 1.29 16.25 -19.57
C LEU A 229 0.11 15.57 -18.90
N PRO A 230 -0.94 16.27 -18.46
CA PRO A 230 -2.00 15.56 -17.72
C PRO A 230 -2.77 14.54 -18.56
N LEU A 231 -2.64 14.60 -19.88
CA LEU A 231 -3.27 13.60 -20.73
C LEU A 231 -2.77 12.21 -20.46
N ARG A 232 -1.56 12.07 -19.89
CA ARG A 232 -1.03 10.76 -19.61
C ARG A 232 -1.83 10.04 -18.56
N LYS A 233 -2.58 10.76 -17.73
CA LYS A 233 -3.55 10.15 -16.83
C LYS A 233 -4.98 10.22 -17.36
N SER A 234 -5.40 11.34 -17.99
CA SER A 234 -6.81 11.49 -18.35
C SER A 234 -7.24 10.55 -19.48
N ILE A 235 -6.38 10.28 -20.46
CA ILE A 235 -6.80 9.40 -21.57
C ILE A 235 -6.95 7.98 -21.04
N PRO A 236 -5.96 7.41 -20.35
CA PRO A 236 -6.16 6.06 -19.79
C PRO A 236 -7.29 5.98 -18.80
N THR A 237 -7.48 7.02 -17.98
CA THR A 237 -8.60 7.00 -17.05
C THR A 237 -9.94 6.91 -17.78
N LYS A 238 -10.13 7.70 -18.84
CA LYS A 238 -11.37 7.62 -19.61
C LYS A 238 -11.56 6.24 -20.24
N ILE A 239 -10.48 5.65 -20.76
CA ILE A 239 -10.62 4.31 -21.34
C ILE A 239 -11.00 3.31 -20.25
N MET A 240 -10.30 3.34 -19.11
CA MET A 240 -10.63 2.40 -18.03
C MET A 240 -12.04 2.60 -17.51
N GLU A 241 -12.48 3.85 -17.38
CA GLU A 241 -13.88 4.09 -17.01
C GLU A 241 -14.84 3.50 -18.05
N SER A 242 -14.52 3.62 -19.35
CA SER A 242 -15.43 3.07 -20.36
C SER A 242 -15.47 1.55 -20.31
N GLU A 243 -14.46 0.92 -19.72
CA GLU A 243 -14.42 -0.52 -19.49
C GLU A 243 -15.03 -0.91 -18.16
N GLY A 244 -15.54 0.04 -17.39
CA GLY A 244 -16.11 -0.28 -16.10
C GLY A 244 -15.12 -0.43 -14.98
N ILE A 245 -13.84 -0.11 -15.22
CA ILE A 245 -12.81 -0.27 -14.20
C ILE A 245 -12.80 1.04 -13.42
N ILE A 246 -13.41 1.03 -12.25
CA ILE A 246 -13.60 2.28 -11.50
C ILE A 246 -13.98 1.89 -10.08
N GLY A 247 -13.66 2.77 -9.13
CA GLY A 247 -13.97 2.54 -7.74
C GLY A 247 -15.37 2.01 -7.47
N MET B 1 7.28 1.03 22.69
CA MET B 1 7.15 2.48 22.78
C MET B 1 8.02 3.02 23.91
N GLY B 2 8.25 4.35 23.88
CA GLY B 2 9.12 5.00 24.85
C GLY B 2 8.35 5.52 26.07
N SER B 3 8.43 6.81 26.32
CA SER B 3 7.75 7.35 27.48
C SER B 3 6.29 7.57 27.16
N ILE B 4 5.46 7.65 28.19
CA ILE B 4 4.09 8.08 28.00
C ILE B 4 3.75 9.16 29.02
N THR B 5 3.04 10.20 28.57
CA THR B 5 2.61 11.32 29.38
C THR B 5 1.10 11.49 29.24
N GLU B 6 0.41 11.75 30.35
CA GLU B 6 -1.01 12.02 30.28
C GLU B 6 -1.24 13.49 29.91
N ASN B 7 -2.06 13.73 28.89
CA ASN B 7 -2.43 15.06 28.42
C ASN B 7 -3.93 15.24 28.70
N THR B 8 -4.23 15.93 29.81
CA THR B 8 -5.62 16.17 30.22
C THR B 8 -6.38 16.96 29.18
N SER B 9 -5.70 17.80 28.40
CA SER B 9 -6.39 18.71 27.49
C SER B 9 -7.14 17.94 26.40
N TRP B 10 -6.67 16.75 26.03
CA TRP B 10 -7.37 15.99 25.00
C TRP B 10 -8.77 15.59 25.46
N ASN B 11 -9.03 15.59 26.77
CA ASN B 11 -10.36 15.22 27.24
C ASN B 11 -11.44 16.10 26.61
N LYS B 12 -11.10 17.33 26.25
CA LYS B 12 -12.08 18.24 25.67
C LYS B 12 -12.82 17.59 24.51
N GLU B 13 -12.10 16.83 23.68
CA GLU B 13 -12.75 16.15 22.56
C GLU B 13 -13.65 15.02 23.01
N PHE B 14 -13.40 14.45 24.20
CA PHE B 14 -14.23 13.35 24.72
C PHE B 14 -15.48 13.87 25.43
N SER B 15 -15.31 14.86 26.30
CA SER B 15 -16.44 15.36 27.08
C SER B 15 -17.47 16.05 26.21
N ALA B 16 -17.04 16.64 25.09
CA ALA B 16 -17.99 17.30 24.20
C ALA B 16 -18.97 16.31 23.59
N GLU B 17 -18.58 15.05 23.46
CA GLU B 17 -19.44 14.00 22.96
C GLU B 17 -19.94 13.07 24.07
N ALA B 18 -19.61 13.35 25.33
CA ALA B 18 -20.00 12.51 26.45
C ALA B 18 -19.47 11.07 26.29
N VAL B 19 -18.22 10.93 25.87
CA VAL B 19 -17.62 9.61 25.60
C VAL B 19 -16.62 9.31 26.69
N ASN B 20 -16.63 8.07 27.19
CA ASN B 20 -15.58 7.53 28.04
C ASN B 20 -14.70 6.64 27.16
N GLY B 21 -13.44 7.03 27.04
CA GLY B 21 -12.50 6.35 26.14
C GLY B 21 -11.08 6.84 26.34
N VAL B 22 -10.19 6.34 25.50
CA VAL B 22 -8.78 6.69 25.59
C VAL B 22 -8.23 6.78 24.18
N PHE B 23 -7.30 7.71 23.99
CA PHE B 23 -6.46 7.77 22.80
C PHE B 23 -5.02 7.70 23.26
N VAL B 24 -4.23 6.90 22.54
CA VAL B 24 -2.78 6.80 22.72
C VAL B 24 -2.15 7.13 21.37
N LEU B 25 -1.22 8.10 21.39
CA LEU B 25 -0.53 8.58 20.19
C LEU B 25 0.97 8.62 20.46
N CYS B 26 1.75 7.94 19.63
CA CYS B 26 3.20 7.82 19.85
C CYS B 26 3.93 8.32 18.63
N LYS B 27 4.93 9.17 18.83
CA LYS B 27 5.75 9.70 17.74
C LYS B 27 7.06 8.92 17.77
N SER B 28 7.38 8.23 16.70
CA SER B 28 8.51 7.32 16.72
C SER B 28 9.83 8.06 16.92
N SER B 29 10.03 9.19 16.25
CA SER B 29 11.36 9.81 16.29
C SER B 29 11.72 10.31 17.70
N SER B 30 10.75 10.71 18.49
CA SER B 30 11.03 11.24 19.83
C SER B 30 10.83 10.18 20.91
N LYS B 31 10.44 8.98 20.51
CA LYS B 31 10.18 7.87 21.45
C LYS B 31 9.28 8.30 22.59
N SER B 32 8.21 8.99 22.25
CA SER B 32 7.34 9.55 23.27
C SER B 32 5.89 9.45 22.83
N CYS B 33 5.04 9.16 23.81
CA CYS B 33 3.62 8.96 23.62
C CYS B 33 2.84 9.88 24.53
N ALA B 34 1.64 10.21 24.11
CA ALA B 34 0.71 10.94 24.95
C ALA B 34 -0.62 10.23 24.98
N THR B 35 -1.36 10.46 26.06
CA THR B 35 -2.70 9.91 26.19
C THR B 35 -3.55 10.87 27.04
N ASN B 36 -4.86 10.81 26.84
CA ASN B 36 -5.75 11.56 27.73
C ASN B 36 -5.97 10.87 29.08
N ASP B 37 -5.64 9.59 29.21
CA ASP B 37 -6.05 8.83 30.39
C ASP B 37 -5.09 7.64 30.52
N LEU B 38 -4.03 7.83 31.31
CA LEU B 38 -3.01 6.78 31.46
C LEU B 38 -3.59 5.48 32.00
N ALA B 39 -4.48 5.54 33.01
CA ALA B 39 -5.04 4.32 33.54
C ALA B 39 -5.79 3.53 32.48
N ARG B 40 -6.66 4.22 31.72
CA ARG B 40 -7.42 3.51 30.70
C ARG B 40 -6.52 3.04 29.57
N ALA B 41 -5.43 3.76 29.28
CA ALA B 41 -4.52 3.33 28.23
C ALA B 41 -4.00 1.92 28.47
N SER B 42 -3.84 1.52 29.71
CA SER B 42 -3.37 0.17 30.06
C SER B 42 -4.47 -0.83 30.34
N LYS B 43 -5.74 -0.41 30.30
CA LYS B 43 -6.83 -1.33 30.61
C LYS B 43 -7.12 -2.15 29.37
N GLU B 44 -7.46 -3.44 29.57
CA GLU B 44 -7.60 -4.38 28.47
C GLU B 44 -9.07 -4.61 28.12
N TYR B 45 -9.36 -4.60 26.80
CA TYR B 45 -10.71 -4.77 26.27
C TYR B 45 -10.70 -5.82 25.17
N LEU B 46 -11.88 -6.39 24.90
CA LEU B 46 -12.02 -7.27 23.75
C LEU B 46 -11.49 -6.59 22.50
N PRO B 47 -10.68 -7.26 21.69
CA PRO B 47 -10.19 -6.62 20.46
C PRO B 47 -11.21 -6.53 19.35
N ALA B 48 -12.18 -7.41 19.34
CA ALA B 48 -13.15 -7.48 18.25
C ALA B 48 -12.43 -7.49 16.93
N SER B 49 -12.94 -6.73 15.94
CA SER B 49 -12.43 -6.84 14.57
C SER B 49 -10.95 -6.43 14.41
N THR B 50 -10.36 -5.82 15.44
CA THR B 50 -8.92 -5.48 15.34
C THR B 50 -8.09 -6.75 15.39
N PHE B 51 -8.69 -7.85 15.90
CA PHE B 51 -8.00 -9.13 15.88
C PHE B 51 -7.78 -9.66 14.48
N LYS B 52 -8.45 -9.08 13.47
CA LYS B 52 -8.15 -9.52 12.11
C LYS B 52 -6.67 -9.30 11.76
N ILE B 53 -5.99 -8.35 12.38
CA ILE B 53 -4.56 -8.15 12.09
C ILE B 53 -3.73 -9.36 12.51
N PRO B 54 -3.67 -9.72 13.81
CA PRO B 54 -2.92 -10.93 14.15
C PRO B 54 -3.44 -12.19 13.45
N ASN B 55 -4.77 -12.35 13.36
CA ASN B 55 -5.32 -13.56 12.74
C ASN B 55 -4.84 -13.72 11.29
N ALA B 56 -4.83 -12.62 10.53
CA ALA B 56 -4.33 -12.69 9.15
C ALA B 56 -2.86 -13.12 9.11
N ILE B 57 -2.02 -12.53 9.96
CA ILE B 57 -0.61 -12.91 9.98
C ILE B 57 -0.46 -14.38 10.33
N ILE B 58 -1.19 -14.83 11.36
CA ILE B 58 -1.12 -16.23 11.79
C ILE B 58 -1.65 -17.15 10.69
N GLY B 59 -2.70 -16.71 10.01
CA GLY B 59 -3.20 -17.49 8.89
C GLY B 59 -2.13 -17.74 7.85
N LEU B 60 -1.37 -16.70 7.51
CA LEU B 60 -0.28 -16.85 6.55
C LEU B 60 0.83 -17.72 7.12
N GLU B 61 1.25 -17.47 8.37
CA GLU B 61 2.37 -18.21 8.96
C GLU B 61 2.12 -19.71 8.98
N THR B 62 0.90 -20.11 9.28
CA THR B 62 0.57 -21.53 9.38
C THR B 62 0.24 -22.18 8.05
N GLY B 63 0.15 -21.40 6.96
CA GLY B 63 -0.27 -21.96 5.67
C GLY B 63 -1.77 -22.11 5.50
N VAL B 64 -2.57 -21.77 6.51
CA VAL B 64 -4.01 -21.75 6.37
C VAL B 64 -4.42 -20.84 5.22
N ILE B 65 -3.88 -19.61 5.19
CA ILE B 65 -3.99 -18.71 4.05
C ILE B 65 -2.83 -19.07 3.15
N LYS B 66 -3.14 -19.58 1.96
CA LYS B 66 -2.13 -20.25 1.14
C LYS B 66 -1.05 -19.27 0.73
N ASN B 67 -1.44 -18.02 0.46
CA ASN B 67 -0.53 -17.02 0.01
C ASN B 67 -1.30 -15.71 -0.15
N GLU B 68 -0.60 -14.67 -0.55
N GLU B 68 -0.55 -14.70 -0.60
CA GLU B 68 -1.17 -13.33 -0.59
CA GLU B 68 -1.03 -13.32 -0.70
C GLU B 68 -2.28 -13.20 -1.62
C GLU B 68 -2.22 -13.19 -1.63
N HIS B 69 -2.33 -14.06 -2.63
CA HIS B 69 -3.32 -13.99 -3.70
C HIS B 69 -4.53 -14.90 -3.49
N GLN B 70 -4.65 -15.53 -2.34
CA GLN B 70 -5.77 -16.45 -2.14
C GLN B 70 -7.09 -15.69 -2.15
N VAL B 71 -8.09 -16.29 -2.79
CA VAL B 71 -9.43 -15.75 -2.87
C VAL B 71 -10.31 -16.54 -1.92
N PHE B 72 -11.04 -15.82 -1.09
CA PHE B 72 -12.00 -16.43 -0.17
C PHE B 72 -13.36 -16.43 -0.85
N LYS B 73 -13.80 -17.60 -1.30
CA LYS B 73 -14.99 -17.71 -2.12
C LYS B 73 -16.24 -17.70 -1.25
N TRP B 74 -17.27 -17.01 -1.74
CA TRP B 74 -18.58 -17.02 -1.09
C TRP B 74 -19.39 -18.21 -1.56
N ASP B 75 -19.86 -19.02 -0.63
CA ASP B 75 -20.64 -20.22 -0.96
C ASP B 75 -22.06 -19.92 -1.39
N GLY B 76 -22.46 -18.64 -1.44
CA GLY B 76 -23.81 -18.29 -1.87
C GLY B 76 -24.85 -18.29 -0.78
N LYS B 77 -24.46 -18.68 0.51
CA LYS B 77 -25.42 -18.69 1.61
C LYS B 77 -25.48 -17.31 2.26
N PRO B 78 -26.62 -16.92 2.81
CA PRO B 78 -26.76 -15.56 3.36
C PRO B 78 -25.72 -15.27 4.44
N ARG B 79 -25.18 -14.06 4.38
CA ARG B 79 -24.28 -13.57 5.40
C ARG B 79 -24.88 -12.33 6.05
N ALA B 80 -24.32 -11.95 7.21
CA ALA B 80 -24.95 -10.94 8.07
C ALA B 80 -24.90 -9.54 7.47
N MET B 81 -23.95 -9.26 6.58
CA MET B 81 -23.88 -7.99 5.88
C MET B 81 -23.77 -8.23 4.39
N LYS B 82 -24.54 -7.47 3.61
CA LYS B 82 -24.53 -7.66 2.16
C LYS B 82 -23.14 -7.48 1.59
N GLN B 83 -22.31 -6.62 2.20
CA GLN B 83 -20.95 -6.38 1.71
C GLN B 83 -20.07 -7.61 1.78
N TRP B 84 -20.47 -8.67 2.49
CA TRP B 84 -19.66 -9.87 2.59
C TRP B 84 -20.09 -10.94 1.60
N GLU B 85 -21.18 -10.72 0.86
CA GLU B 85 -21.76 -11.75 0.00
C GLU B 85 -21.11 -11.69 -1.39
N ARG B 86 -19.82 -12.00 -1.40
CA ARG B 86 -19.04 -11.97 -2.64
C ARG B 86 -17.69 -12.61 -2.36
N ASP B 87 -17.01 -13.00 -3.43
CA ASP B 87 -15.64 -13.46 -3.31
C ASP B 87 -14.77 -12.29 -2.85
N LEU B 88 -13.84 -12.56 -1.97
CA LEU B 88 -12.98 -11.51 -1.40
C LEU B 88 -11.52 -11.93 -1.49
N THR B 89 -10.64 -10.94 -1.74
CA THR B 89 -9.22 -11.11 -1.51
C THR B 89 -8.92 -10.98 -0.02
N LEU B 90 -7.66 -11.24 0.35
CA LEU B 90 -7.26 -11.05 1.74
C LEU B 90 -7.44 -9.61 2.16
N ARG B 91 -6.94 -8.67 1.36
CA ARG B 91 -7.15 -7.27 1.70
C ARG B 91 -8.62 -6.91 1.72
N GLY B 92 -9.39 -7.38 0.73
CA GLY B 92 -10.81 -7.12 0.76
C GLY B 92 -11.48 -7.65 2.02
N ALA B 93 -11.14 -8.87 2.43
CA ALA B 93 -11.77 -9.44 3.63
C ALA B 93 -11.39 -8.66 4.89
N ILE B 94 -10.17 -8.13 4.95
CA ILE B 94 -9.79 -7.28 6.07
C ILE B 94 -10.54 -5.96 6.01
N GLN B 95 -10.56 -5.32 4.82
CA GLN B 95 -11.13 -3.98 4.69
C GLN B 95 -12.63 -3.96 4.93
N VAL B 96 -13.38 -4.93 4.39
CA VAL B 96 -14.83 -4.98 4.65
C VAL B 96 -15.13 -5.70 5.96
N SER B 97 -14.10 -6.26 6.59
CA SER B 97 -14.21 -6.80 7.93
C SER B 97 -15.17 -8.00 7.92
N ALA B 98 -14.88 -8.97 7.04
CA ALA B 98 -15.78 -10.09 6.77
C ALA B 98 -15.67 -11.16 7.86
N VAL B 99 -16.58 -11.09 8.84
CA VAL B 99 -16.58 -12.01 9.98
C VAL B 99 -16.43 -13.49 9.62
N PRO B 100 -17.23 -14.05 8.71
CA PRO B 100 -17.17 -15.51 8.50
C PRO B 100 -15.87 -15.99 7.92
N VAL B 101 -15.18 -15.15 7.14
CA VAL B 101 -13.88 -15.54 6.60
C VAL B 101 -12.89 -15.77 7.73
N PHE B 102 -12.88 -14.87 8.71
CA PHE B 102 -11.88 -14.94 9.77
C PHE B 102 -12.27 -15.95 10.85
N GLN B 103 -13.56 -16.24 11.02
CA GLN B 103 -13.92 -17.36 11.89
C GLN B 103 -13.38 -18.68 11.33
N GLN B 104 -13.47 -18.85 10.00
CA GLN B 104 -12.97 -20.07 9.39
C GLN B 104 -11.45 -20.14 9.45
N ILE B 105 -10.76 -19.02 9.18
CA ILE B 105 -9.30 -19.00 9.38
C ILE B 105 -8.95 -19.48 10.78
N ALA B 106 -9.60 -18.91 11.80
CA ALA B 106 -9.29 -19.28 13.18
C ALA B 106 -9.51 -20.77 13.44
N ARG B 107 -10.61 -21.33 12.93
CA ARG B 107 -10.88 -22.75 13.13
C ARG B 107 -9.75 -23.60 12.56
N GLU B 108 -9.26 -23.24 11.35
CA GLU B 108 -8.22 -24.02 10.70
C GLU B 108 -6.85 -23.83 11.36
N VAL B 109 -6.54 -22.63 11.86
CA VAL B 109 -5.33 -22.45 12.65
C VAL B 109 -5.35 -23.37 13.87
N GLY B 110 -6.46 -23.39 14.59
CA GLY B 110 -6.59 -24.27 15.72
C GLY B 110 -6.05 -23.66 17.01
N GLU B 111 -6.43 -24.27 18.14
CA GLU B 111 -6.13 -23.70 19.46
C GLU B 111 -4.64 -23.69 19.73
N VAL B 112 -3.96 -24.79 19.42
CA VAL B 112 -2.55 -24.92 19.78
C VAL B 112 -1.71 -23.86 19.05
N ARG B 113 -1.86 -23.77 17.73
CA ARG B 113 -1.07 -22.79 16.99
C ARG B 113 -1.50 -21.36 17.32
N MET B 114 -2.80 -21.13 17.50
CA MET B 114 -3.25 -19.80 17.88
C MET B 114 -2.61 -19.36 19.19
N GLN B 115 -2.61 -20.25 20.21
CA GLN B 115 -1.99 -19.93 21.50
C GLN B 115 -0.50 -19.61 21.34
N LYS B 116 0.21 -20.42 20.54
CA LYS B 116 1.64 -20.22 20.36
C LYS B 116 1.91 -18.84 19.76
N TYR B 117 1.14 -18.44 18.76
CA TYR B 117 1.41 -17.18 18.10
C TYR B 117 1.03 -15.98 18.96
N LEU B 118 -0.04 -16.07 19.75
CA LEU B 118 -0.36 -14.93 20.62
C LEU B 118 0.67 -14.76 21.72
N LYS B 119 1.29 -15.84 22.20
CA LYS B 119 2.45 -15.70 23.07
C LYS B 119 3.62 -15.06 22.34
N LYS B 120 3.90 -15.52 21.11
CA LYS B 120 4.99 -14.92 20.34
C LYS B 120 4.78 -13.41 20.15
N PHE B 121 3.54 -12.99 19.90
CA PHE B 121 3.22 -11.59 19.61
C PHE B 121 2.98 -10.77 20.87
N SER B 122 3.03 -11.38 22.05
CA SER B 122 2.69 -10.71 23.31
C SER B 122 1.34 -9.99 23.16
N TYR B 123 0.33 -10.74 22.75
CA TYR B 123 -0.93 -10.14 22.34
C TYR B 123 -1.92 -10.17 23.49
N GLY B 124 -1.98 -9.07 24.21
CA GLY B 124 -2.92 -8.89 25.29
C GLY B 124 -2.74 -9.91 26.39
N ASN B 125 -3.84 -10.33 26.97
CA ASN B 125 -3.79 -11.33 28.04
C ASN B 125 -3.62 -12.75 27.52
N GLN B 126 -3.58 -12.92 26.19
CA GLN B 126 -3.24 -14.19 25.55
C GLN B 126 -4.24 -15.29 25.91
N ASN B 127 -5.46 -14.92 26.27
CA ASN B 127 -6.45 -15.88 26.75
C ASN B 127 -7.43 -16.13 25.61
N ILE B 128 -7.36 -17.33 25.02
CA ILE B 128 -8.20 -17.68 23.87
C ILE B 128 -9.36 -18.60 24.25
N SER B 129 -9.65 -18.73 25.53
CA SER B 129 -10.81 -19.53 25.92
C SER B 129 -12.08 -18.82 25.49
N GLY B 130 -13.12 -19.61 25.26
CA GLY B 130 -14.40 -19.09 24.83
C GLY B 130 -14.85 -19.59 23.48
N GLY B 131 -14.07 -20.43 22.82
CA GLY B 131 -14.41 -20.96 21.49
C GLY B 131 -13.39 -20.46 20.49
N ILE B 132 -12.81 -21.39 19.73
CA ILE B 132 -11.71 -21.05 18.80
C ILE B 132 -12.13 -20.01 17.77
N ASP B 133 -13.42 -19.91 17.46
CA ASP B 133 -13.88 -18.96 16.44
C ASP B 133 -14.61 -17.75 17.03
N LYS B 134 -14.52 -17.52 18.35
CA LYS B 134 -15.16 -16.34 18.91
C LYS B 134 -14.42 -15.74 20.10
N PHE B 135 -13.21 -16.19 20.44
CA PHE B 135 -12.58 -15.76 21.69
C PHE B 135 -12.28 -14.27 21.67
N TRP B 136 -12.03 -13.70 20.49
CA TRP B 136 -11.68 -12.29 20.39
C TRP B 136 -12.88 -11.36 20.36
N LEU B 137 -14.10 -11.91 20.31
CA LEU B 137 -15.32 -11.13 20.21
C LEU B 137 -16.24 -11.32 21.41
N GLU B 138 -16.44 -12.55 21.84
CA GLU B 138 -17.25 -12.81 23.02
C GLU B 138 -16.56 -13.69 24.06
N GLY B 139 -15.29 -14.05 23.84
CA GLY B 139 -14.53 -14.83 24.79
C GLY B 139 -13.71 -13.99 25.75
N GLN B 140 -12.59 -14.55 26.17
CA GLN B 140 -11.83 -13.99 27.29
C GLN B 140 -10.62 -13.17 26.86
N LEU B 141 -10.40 -12.97 25.56
CA LEU B 141 -9.22 -12.24 25.11
C LEU B 141 -9.41 -10.75 25.36
N ARG B 142 -8.37 -10.11 25.89
CA ARG B 142 -8.41 -8.67 26.15
C ARG B 142 -7.05 -8.07 25.86
N ILE B 143 -7.05 -6.84 25.35
CA ILE B 143 -5.82 -6.15 24.98
C ILE B 143 -6.01 -4.66 25.26
N SER B 144 -4.93 -4.00 25.67
CA SER B 144 -4.99 -2.57 25.98
C SER B 144 -4.56 -1.73 24.77
N ALA B 145 -4.90 -0.44 24.82
CA ALA B 145 -4.43 0.48 23.77
C ALA B 145 -2.90 0.53 23.71
N VAL B 146 -2.25 0.59 24.86
CA VAL B 146 -0.79 0.53 24.89
C VAL B 146 -0.29 -0.73 24.17
N ASN B 147 -0.87 -1.88 24.48
CA ASN B 147 -0.40 -3.11 23.83
C ASN B 147 -0.72 -3.12 22.34
N GLN B 148 -1.85 -2.53 21.91
CA GLN B 148 -2.09 -2.40 20.47
C GLN B 148 -0.99 -1.57 19.80
N VAL B 149 -0.61 -0.43 20.39
CA VAL B 149 0.47 0.38 19.81
C VAL B 149 1.78 -0.41 19.74
N GLU B 150 2.12 -1.16 20.79
CA GLU B 150 3.36 -1.94 20.77
C GLU B 150 3.34 -2.97 19.65
N PHE B 151 2.22 -3.67 19.52
CA PHE B 151 2.04 -4.68 18.48
C PHE B 151 2.16 -4.05 17.08
N LEU B 152 1.47 -2.93 16.87
CA LEU B 152 1.52 -2.24 15.58
C LEU B 152 2.91 -1.71 15.27
N GLU B 153 3.64 -1.19 16.28
CA GLU B 153 5.02 -0.75 16.03
C GLU B 153 5.88 -1.92 15.57
N SER B 154 5.74 -3.08 16.24
CA SER B 154 6.46 -4.27 15.83
C SER B 154 6.13 -4.62 14.38
N LEU B 155 4.85 -4.59 14.03
CA LEU B 155 4.46 -4.91 12.65
C LEU B 155 5.06 -3.91 11.67
N TYR B 156 4.97 -2.63 11.98
CA TYR B 156 5.59 -1.62 11.12
C TYR B 156 7.06 -1.91 10.89
N LEU B 157 7.78 -2.31 11.94
CA LEU B 157 9.21 -2.57 11.87
C LEU B 157 9.54 -3.97 11.33
N ASN B 158 8.53 -4.80 11.01
CA ASN B 158 8.74 -6.18 10.60
C ASN B 158 9.45 -6.97 11.71
N LYS B 159 9.18 -6.61 12.95
CA LYS B 159 9.83 -7.23 14.08
C LYS B 159 8.94 -8.20 14.84
N LEU B 160 7.70 -8.47 14.39
CA LEU B 160 6.98 -9.59 14.97
C LEU B 160 7.68 -10.91 14.65
N SER B 161 7.38 -11.92 15.46
CA SER B 161 7.92 -13.27 15.29
C SER B 161 7.12 -14.01 14.22
N ALA B 162 7.31 -13.54 12.99
CA ALA B 162 6.66 -14.06 11.78
C ALA B 162 7.58 -13.64 10.64
N SER B 163 7.38 -14.22 9.46
CA SER B 163 8.25 -13.85 8.36
C SER B 163 8.02 -12.39 7.98
N LYS B 164 9.07 -11.76 7.48
CA LYS B 164 8.94 -10.40 6.99
C LYS B 164 7.94 -10.34 5.85
N GLU B 165 7.97 -11.31 4.96
CA GLU B 165 7.01 -11.28 3.83
C GLU B 165 5.58 -11.31 4.34
N ASN B 166 5.28 -12.12 5.37
CA ASN B 166 3.89 -12.18 5.82
C ASN B 166 3.47 -10.90 6.53
N GLN B 167 4.40 -10.24 7.23
CA GLN B 167 4.10 -8.95 7.80
C GLN B 167 3.85 -7.91 6.72
N LEU B 168 4.64 -7.91 5.66
CA LEU B 168 4.45 -6.99 4.55
C LEU B 168 3.10 -7.21 3.85
N ILE B 169 2.71 -8.45 3.64
CA ILE B 169 1.43 -8.71 3.00
C ILE B 169 0.30 -8.12 3.82
N VAL B 170 0.32 -8.35 5.12
CA VAL B 170 -0.77 -7.82 5.93
C VAL B 170 -0.71 -6.29 6.02
N LYS B 171 0.48 -5.70 6.01
CA LYS B 171 0.59 -4.24 5.98
C LYS B 171 -0.10 -3.65 4.74
N GLU B 172 0.18 -4.16 3.54
CA GLU B 172 -0.49 -3.52 2.40
C GLU B 172 -1.99 -3.72 2.48
N ALA B 173 -2.45 -4.81 3.08
CA ALA B 173 -3.88 -5.03 3.22
C ALA B 173 -4.54 -4.06 4.19
N LEU B 174 -3.76 -3.42 5.06
CA LEU B 174 -4.25 -2.47 6.05
C LEU B 174 -4.21 -1.02 5.57
N VAL B 175 -3.62 -0.72 4.42
CA VAL B 175 -3.62 0.66 3.92
C VAL B 175 -5.06 1.16 3.73
N THR B 176 -5.38 2.31 4.34
CA THR B 176 -6.69 2.93 4.19
C THR B 176 -6.63 4.34 3.61
N GLU B 177 -5.46 4.96 3.52
CA GLU B 177 -5.34 6.19 2.77
C GLU B 177 -3.94 6.30 2.21
N ALA B 178 -3.81 6.65 0.95
CA ALA B 178 -2.53 6.73 0.27
C ALA B 178 -2.43 8.06 -0.47
N ALA B 179 -1.41 8.83 -0.16
CA ALA B 179 -1.11 10.09 -0.78
C ALA B 179 0.42 10.18 -0.93
N PRO B 180 0.94 11.11 -1.71
CA PRO B 180 2.41 11.09 -1.97
C PRO B 180 3.30 11.14 -0.73
N GLU B 181 2.99 11.98 0.25
CA GLU B 181 3.77 12.02 1.49
C GLU B 181 2.90 11.78 2.73
N TYR B 182 1.87 10.96 2.60
CA TYR B 182 0.99 10.69 3.72
C TYR B 182 0.35 9.33 3.49
N LEU B 183 0.55 8.39 4.39
CA LEU B 183 0.05 7.02 4.21
C LEU B 183 -0.53 6.56 5.53
N VAL B 184 -1.73 6.00 5.52
CA VAL B 184 -2.38 5.54 6.76
C VAL B 184 -2.64 4.04 6.65
N HIS B 185 -2.32 3.30 7.70
CA HIS B 185 -2.73 1.91 7.87
C HIS B 185 -3.63 1.90 9.08
N SER B 186 -4.79 1.25 9.01
CA SER B 186 -5.68 1.32 10.16
C SER B 186 -6.72 0.21 10.11
N LYS B 187 -7.33 -0.05 11.29
CA LYS B 187 -8.40 -1.03 11.42
C LYS B 187 -9.33 -0.62 12.54
N THR B 188 -10.62 -0.73 12.26
CA THR B 188 -11.68 -0.47 13.24
C THR B 188 -12.15 -1.76 13.91
N GLY B 189 -12.86 -1.59 15.02
CA GLY B 189 -13.56 -2.70 15.63
C GLY B 189 -14.72 -2.22 16.47
N PHE B 190 -15.63 -3.16 16.75
CA PHE B 190 -16.84 -2.86 17.53
C PHE B 190 -17.37 -4.18 18.09
N SER B 191 -17.38 -4.31 19.43
CA SER B 191 -17.80 -5.57 20.04
C SER B 191 -19.31 -5.73 20.13
N GLY B 192 -20.06 -4.64 20.00
CA GLY B 192 -21.48 -4.62 20.26
C GLY B 192 -21.84 -3.54 21.25
N VAL B 193 -23.14 -3.49 21.58
CA VAL B 193 -23.63 -2.47 22.52
C VAL B 193 -23.62 -2.93 23.97
N GLY B 194 -23.32 -4.21 24.23
CA GLY B 194 -23.16 -4.67 25.59
C GLY B 194 -24.48 -4.67 26.35
N THR B 195 -24.34 -4.60 27.68
CA THR B 195 -25.47 -4.75 28.60
C THR B 195 -25.43 -3.67 29.68
N GLU B 196 -26.60 -3.35 30.22
CA GLU B 196 -26.72 -2.39 31.31
C GLU B 196 -25.59 -2.56 32.30
N SER B 197 -24.85 -1.48 32.55
CA SER B 197 -23.69 -1.47 33.44
C SER B 197 -22.48 -2.14 32.81
N ASN B 198 -22.57 -2.59 31.55
CA ASN B 198 -21.44 -3.27 30.89
C ASN B 198 -21.49 -2.98 29.41
N PRO B 199 -21.15 -1.76 29.00
CA PRO B 199 -21.19 -1.43 27.58
C PRO B 199 -20.15 -2.18 26.78
N GLY B 200 -20.37 -2.18 25.47
CA GLY B 200 -19.39 -2.69 24.53
C GLY B 200 -18.21 -1.73 24.35
N VAL B 201 -17.34 -2.10 23.42
CA VAL B 201 -16.15 -1.31 23.11
C VAL B 201 -16.05 -1.12 21.60
N ALA B 202 -15.52 0.04 21.21
CA ALA B 202 -15.24 0.36 19.82
C ALA B 202 -13.79 0.81 19.77
N TRP B 203 -13.14 0.49 18.65
CA TRP B 203 -11.71 0.68 18.48
C TRP B 203 -11.42 1.35 17.14
N TRP B 204 -10.32 2.12 17.09
CA TRP B 204 -9.64 2.47 15.85
C TRP B 204 -8.17 2.46 16.19
N VAL B 205 -7.37 1.64 15.48
CA VAL B 205 -5.94 1.52 15.71
C VAL B 205 -5.21 1.61 14.38
N GLY B 206 -3.96 2.04 14.43
CA GLY B 206 -3.21 2.09 13.19
C GLY B 206 -1.95 2.93 13.34
N TRP B 207 -1.45 3.42 12.20
CA TRP B 207 -0.32 4.33 12.22
C TRP B 207 -0.37 5.19 10.99
N VAL B 208 0.31 6.33 11.09
CA VAL B 208 0.37 7.34 10.04
C VAL B 208 1.83 7.59 9.71
N GLU B 209 2.18 7.55 8.43
CA GLU B 209 3.50 7.89 7.96
C GLU B 209 3.36 9.20 7.23
N LYS B 210 4.04 10.23 7.72
CA LYS B 210 3.96 11.59 7.18
C LYS B 210 5.39 12.10 7.04
N GLU B 211 5.78 12.45 5.83
CA GLU B 211 7.14 12.86 5.61
C GLU B 211 8.03 11.75 6.15
N THR B 212 9.03 12.04 6.97
CA THR B 212 9.84 10.96 7.52
C THR B 212 9.42 10.55 8.93
N GLU B 213 8.30 11.04 9.43
N GLU B 213 8.29 11.02 9.41
CA GLU B 213 7.80 10.70 10.76
CA GLU B 213 7.82 10.71 10.76
C GLU B 213 6.81 9.54 10.67
C GLU B 213 6.80 9.57 10.72
N VAL B 214 6.67 8.81 11.78
N VAL B 214 6.66 8.90 11.86
CA VAL B 214 5.64 7.79 11.87
CA VAL B 214 5.70 7.82 11.99
C VAL B 214 5.01 7.90 13.25
C VAL B 214 4.99 8.05 13.31
N TYR B 215 3.68 7.90 13.29
CA TYR B 215 2.87 8.05 14.49
C TYR B 215 2.04 6.79 14.66
N PHE B 216 2.12 6.15 15.81
CA PHE B 216 1.32 4.95 16.09
C PHE B 216 0.17 5.39 16.98
N PHE B 217 -1.03 4.86 16.71
CA PHE B 217 -2.19 5.27 17.50
C PHE B 217 -3.10 4.10 17.87
N ALA B 218 -3.82 4.28 18.98
CA ALA B 218 -4.87 3.35 19.34
C ALA B 218 -5.91 4.13 20.13
N PHE B 219 -7.17 3.96 19.72
CA PHE B 219 -8.33 4.55 20.38
C PHE B 219 -9.32 3.48 20.77
N ASN B 220 -9.87 3.57 21.97
CA ASN B 220 -11.06 2.79 22.31
C ASN B 220 -12.03 3.65 23.11
N MET B 221 -13.29 3.22 23.11
CA MET B 221 -14.35 3.90 23.86
C MET B 221 -15.39 2.88 24.28
N ASP B 222 -16.04 3.17 25.40
CA ASP B 222 -17.26 2.47 25.77
C ASP B 222 -18.38 2.92 24.84
N ILE B 223 -19.19 1.97 24.42
CA ILE B 223 -20.29 2.24 23.51
C ILE B 223 -21.47 1.35 23.88
N ASP B 224 -22.65 1.96 24.04
CA ASP B 224 -23.88 1.20 24.23
C ASP B 224 -24.97 1.64 23.25
N ASN B 225 -24.62 2.47 22.27
CA ASN B 225 -25.55 2.92 21.24
C ASN B 225 -24.79 2.93 19.92
N GLU B 226 -25.29 2.16 18.95
CA GLU B 226 -24.56 2.02 17.70
C GLU B 226 -24.47 3.34 16.94
N SER B 227 -25.36 4.29 17.21
CA SER B 227 -25.29 5.58 16.52
C SER B 227 -24.03 6.36 16.86
N LYS B 228 -23.38 6.05 17.98
CA LYS B 228 -22.15 6.74 18.37
C LYS B 228 -20.91 6.15 17.72
N LEU B 229 -21.08 5.14 16.87
CA LEU B 229 -19.93 4.42 16.35
C LEU B 229 -18.96 5.30 15.58
N PRO B 230 -19.39 6.26 14.77
CA PRO B 230 -18.39 7.07 14.03
C PRO B 230 -17.46 7.88 14.93
N LEU B 231 -17.79 8.07 16.21
CA LEU B 231 -16.90 8.77 17.13
C LEU B 231 -15.55 8.09 17.25
N ARG B 232 -15.48 6.79 16.97
CA ARG B 232 -14.19 6.11 17.07
C ARG B 232 -13.17 6.62 16.04
N LYS B 233 -13.63 7.29 14.99
CA LYS B 233 -12.72 7.96 14.06
C LYS B 233 -12.66 9.46 14.25
N SER B 234 -13.77 10.13 14.58
CA SER B 234 -13.74 11.59 14.60
C SER B 234 -12.98 12.13 15.81
N ILE B 235 -13.08 11.47 16.96
CA ILE B 235 -12.33 11.91 18.13
C ILE B 235 -10.84 11.80 17.84
N PRO B 236 -10.31 10.64 17.49
CA PRO B 236 -8.87 10.59 17.21
C PRO B 236 -8.46 11.48 16.05
N THR B 237 -9.31 11.60 15.02
CA THR B 237 -8.97 12.46 13.91
C THR B 237 -8.85 13.91 14.36
N LYS B 238 -9.78 14.37 15.20
CA LYS B 238 -9.69 15.74 15.70
C LYS B 238 -8.42 15.95 16.53
N ILE B 239 -8.02 14.95 17.30
CA ILE B 239 -6.82 15.08 18.12
C ILE B 239 -5.58 15.13 17.22
N MET B 240 -5.52 14.23 16.24
CA MET B 240 -4.38 14.23 15.33
C MET B 240 -4.33 15.48 14.49
N GLU B 241 -5.48 16.02 14.10
CA GLU B 241 -5.47 17.32 13.43
C GLU B 241 -4.91 18.41 14.33
N SER B 242 -5.29 18.42 15.61
CA SER B 242 -4.78 19.45 16.51
C SER B 242 -3.28 19.32 16.72
N GLU B 243 -2.73 18.12 16.56
CA GLU B 243 -1.30 17.89 16.61
C GLU B 243 -0.59 18.20 15.31
N GLY B 244 -1.30 18.62 14.27
CA GLY B 244 -0.68 18.91 12.99
C GLY B 244 -0.39 17.69 12.15
N ILE B 245 -0.93 16.53 12.54
CA ILE B 245 -0.67 15.30 11.80
C ILE B 245 -1.64 15.24 10.64
N ILE B 246 -2.94 15.05 10.92
CA ILE B 246 -3.91 15.06 9.83
C ILE B 246 -4.09 16.51 9.39
N GLY B 247 -3.63 16.83 8.19
CA GLY B 247 -3.75 18.17 7.65
C GLY B 247 -5.21 18.57 7.52
OAC NXL C . 10.04 10.89 -15.37
CAN NXL C . 10.49 11.18 -14.30
N NXL C . 10.96 12.44 -13.98
CAJ NXL C . 11.11 12.93 -12.55
CA NXL C . 10.92 13.53 -14.95
C NXL C . 12.29 14.15 -14.98
O NXL C . 13.23 13.47 -14.99
NAA NXL C . 12.42 15.57 -14.98
CB NXL C . 9.76 14.52 -14.60
CAH NXL C . 9.65 14.89 -13.16
CAO NXL C . 9.85 13.74 -12.23
NAK NXL C . 8.81 12.70 -12.42
OAL NXL C . 7.62 13.28 -12.06
SAR NXL C . 6.47 12.56 -13.00
OAD NXL C . 6.77 12.63 -14.46
OAE NXL C . 5.25 13.29 -12.56
OAG NXL C . 6.44 11.13 -12.66
C1 GOL D . -7.68 -5.76 -3.93
O1 GOL D . -7.44 -6.89 -3.16
C2 GOL D . -8.96 -5.06 -3.56
O2 GOL D . -10.11 -5.85 -3.93
C3 GOL D . -8.90 -4.77 -2.06
O3 GOL D . -8.87 -3.38 -1.83
C1 GOL E . 9.80 -10.60 -15.81
O1 GOL E . 8.59 -10.17 -16.42
C2 GOL E . 10.20 -11.98 -16.30
O2 GOL E . 9.49 -12.31 -17.48
C3 GOL E . 11.72 -12.05 -16.45
O3 GOL E . 12.13 -12.78 -17.57
C1 GOL F . 23.40 -8.81 -3.90
O1 GOL F . 23.92 -8.00 -4.92
C2 GOL F . 22.13 -9.44 -4.47
O2 GOL F . 22.37 -9.89 -5.78
C3 GOL F . 21.69 -10.59 -3.59
O3 GOL F . 21.63 -11.76 -4.37
C1 GOL G . 21.10 7.78 1.18
O1 GOL G . 21.18 9.21 1.28
C2 GOL G . 22.49 7.15 1.19
O2 GOL G . 22.33 5.78 1.48
C3 GOL G . 23.18 7.37 -0.16
O3 GOL G . 24.61 7.25 -0.11
C1 GOL H . -9.38 4.14 -13.46
O1 GOL H . -10.80 4.13 -13.39
C2 GOL H . -8.81 5.07 -12.39
O2 GOL H . -9.34 4.81 -11.10
C3 GOL H . -7.29 4.91 -12.31
O3 GOL H . -6.77 5.85 -11.40
NA NA I . 12.43 7.61 -26.43
NA NA J . -3.24 -10.81 -18.87
NA NA K . 4.33 15.62 -30.13
NA NA L . -14.44 0.14 -2.86
NA NA M . -12.90 5.08 -24.87
I IOD N . 14.45 8.76 -11.94
I IOD O . 18.52 17.38 -8.97
I IOD P . -0.44 14.14 -14.39
I IOD Q . 16.70 14.19 -17.57
C1 GOL R . 5.48 7.55 4.00
O1 GOL R . 6.73 7.00 3.64
C2 GOL R . 5.19 8.89 3.38
O2 GOL R . 6.18 9.89 3.66
C3 GOL R . 5.16 8.56 1.88
O3 GOL R . 3.81 8.37 1.47
NA NA S . 5.24 -6.40 20.05
CL CL T . 2.84 -23.07 13.19
I IOD U . -16.66 4.72 11.50
I IOD V . -15.06 -9.54 15.21
I IOD V . -13.29 -10.89 12.71
I IOD W . -22.06 -14.32 8.56
I IOD X . 7.30 5.44 20.40
OAC NXL Y . -15.30 -5.67 15.12
CAN NXL Y . -15.49 -6.31 14.12
N NXL Y . -16.80 -6.73 13.67
CAJ NXL Y . -17.06 -7.13 12.23
CA NXL Y . -18.00 -6.16 14.35
C NXL Y . -18.92 -7.33 14.68
O NXL Y . -18.48 -8.41 14.88
NAA NXL Y . -20.36 -7.12 14.73
CB NXL Y . -18.74 -5.09 13.51
CAH NXL Y . -18.84 -5.38 12.04
CAO NXL Y . -17.55 -5.91 11.44
NAK NXL Y . -16.47 -4.90 11.51
OAL NXL Y . -16.93 -3.62 11.14
SAR NXL Y . -15.92 -2.50 11.86
OAD NXL Y . -16.29 -1.16 11.22
OAE NXL Y . -14.47 -2.92 11.64
OAG NXL Y . -16.11 -2.25 13.33
#